data_1HIZ
#
_entry.id   1HIZ
#
_cell.length_a   112.870
_cell.length_b   112.870
_cell.length_c   122.730
_cell.angle_alpha   90.00
_cell.angle_beta   90.00
_cell.angle_gamma   120.00
#
_symmetry.space_group_name_H-M   'P 32 2 1'
#
loop_
_entity.id
_entity.type
_entity.pdbx_description
1 polymer ENDO-1,4-BETA-XYLANASE
2 non-polymer alpha-D-galactopyranose
3 non-polymer alpha-D-glucopyranose
4 non-polymer 'SULFATE ION'
5 water water
#
_entity_poly.entity_id   1
_entity_poly.type   'polypeptide(L)'
_entity_poly.pdbx_seq_one_letter_code
;KNADSYAKKPHISALNAPQLDQRYKNEFTIGAAVEPYQLQNEKDVQMLKRHFNSIVAENVMKPISIQPEEGKFNFEQADR
IVKFAKANGMDIRFHTLVWHSQVPQWFFLDKEGKPMVNETDPVKREQNKQLLLKRLETHIKTIVERYKDDIKYWDVVNEV
VGDDGKLRNSPWYQIAGIDYIKVAFQAARKYGGDNIKLYMNDYNTEVEPKRTALYNLVKQLKEEGVPIDGIGHQSHIQIG
WPSEAEIEKTINMFAALGLDNQITELDVSMYGWPPRAYPTYDAIPKQKFLDQAARYDRLFKLYEKLSDKISNVTFWGIAD
NHTWLDSRADVYYDANGNVVVDPNAPYAKVEKGKGKDAPFVFGPDYKVKPAYWAIIDHK
;
_entity_poly.pdbx_strand_id   A
#
# COMPACT_ATOMS: atom_id res chain seq x y z
N SER A 5 7.76 -22.28 21.00
CA SER A 5 7.47 -22.98 19.72
C SER A 5 8.19 -22.31 18.56
N TYR A 6 7.48 -21.46 17.83
CA TYR A 6 8.06 -20.75 16.70
C TYR A 6 9.20 -19.82 17.11
N ALA A 7 9.31 -19.58 18.41
CA ALA A 7 10.36 -18.71 18.94
C ALA A 7 11.69 -19.45 19.04
N LYS A 8 11.63 -20.78 19.14
CA LYS A 8 12.83 -21.61 19.26
C LYS A 8 13.29 -22.13 17.90
N LYS A 9 12.43 -22.03 16.89
CA LYS A 9 12.75 -22.49 15.55
C LYS A 9 14.02 -21.83 15.03
N PRO A 10 14.77 -22.53 14.17
CA PRO A 10 16.02 -22.02 13.59
C PRO A 10 15.82 -20.94 12.55
N HIS A 11 16.75 -19.99 12.50
CA HIS A 11 16.67 -18.91 11.53
C HIS A 11 17.31 -19.37 10.21
N ILE A 12 16.67 -20.36 9.59
CA ILE A 12 17.16 -20.91 8.32
C ILE A 12 17.01 -19.89 7.19
N SER A 13 17.64 -20.18 6.06
CA SER A 13 17.56 -19.31 4.90
C SER A 13 16.12 -19.32 4.41
N ALA A 14 15.62 -18.15 4.04
CA ALA A 14 14.24 -18.05 3.57
C ALA A 14 14.14 -18.54 2.13
N LEU A 15 15.28 -18.50 1.43
CA LEU A 15 15.34 -18.92 0.04
C LEU A 15 14.78 -20.30 -0.24
N ASN A 16 14.94 -21.22 0.69
CA ASN A 16 14.44 -22.58 0.51
C ASN A 16 13.39 -22.98 1.52
N ALA A 17 13.05 -22.08 2.44
CA ALA A 17 12.07 -22.35 3.48
C ALA A 17 10.68 -22.65 2.89
N PRO A 18 9.80 -23.26 3.70
CA PRO A 18 8.45 -23.59 3.23
C PRO A 18 7.78 -22.35 2.65
N GLN A 19 7.21 -22.50 1.46
CA GLN A 19 6.57 -21.42 0.75
C GLN A 19 5.40 -20.74 1.47
N LEU A 20 5.53 -19.42 1.63
CA LEU A 20 4.52 -18.61 2.30
C LEU A 20 3.18 -18.64 1.57
N ASP A 21 3.20 -18.41 0.27
CA ASP A 21 1.98 -18.40 -0.52
C ASP A 21 1.24 -19.73 -0.51
N GLN A 22 1.99 -20.83 -0.51
CA GLN A 22 1.37 -22.16 -0.50
C GLN A 22 0.64 -22.40 0.81
N ARG A 23 1.20 -21.89 1.89
CA ARG A 23 0.58 -22.03 3.20
C ARG A 23 -0.81 -21.42 3.21
N TYR A 24 -1.00 -20.36 2.42
CA TYR A 24 -2.28 -19.68 2.38
C TYR A 24 -3.09 -19.89 1.12
N LYS A 25 -2.77 -20.95 0.39
CA LYS A 25 -3.49 -21.28 -0.83
C LYS A 25 -4.95 -21.49 -0.46
N ASN A 26 -5.86 -21.01 -1.31
CA ASN A 26 -7.30 -21.14 -1.06
C ASN A 26 -7.85 -20.17 -0.02
N GLU A 27 -6.98 -19.35 0.56
CA GLU A 27 -7.44 -18.38 1.54
C GLU A 27 -7.25 -16.99 0.95
N PHE A 28 -6.05 -16.73 0.45
CA PHE A 28 -5.72 -15.46 -0.19
C PHE A 28 -4.30 -15.50 -0.70
N THR A 29 -4.02 -14.75 -1.75
CA THR A 29 -2.67 -14.70 -2.31
C THR A 29 -1.76 -13.93 -1.36
N ILE A 30 -0.46 -14.14 -1.51
CA ILE A 30 0.53 -13.45 -0.70
C ILE A 30 1.40 -12.67 -1.68
N GLY A 31 1.42 -11.35 -1.52
CA GLY A 31 2.19 -10.54 -2.45
C GLY A 31 3.28 -9.68 -1.86
N ALA A 32 4.03 -9.02 -2.72
CA ALA A 32 5.12 -8.15 -2.31
C ALA A 32 5.28 -6.98 -3.28
N ALA A 33 5.64 -5.82 -2.74
CA ALA A 33 5.87 -4.64 -3.56
C ALA A 33 7.31 -4.75 -4.05
N VAL A 34 7.56 -4.39 -5.30
CA VAL A 34 8.91 -4.51 -5.83
C VAL A 34 9.39 -3.30 -6.64
N GLU A 35 10.71 -3.16 -6.67
CA GLU A 35 11.38 -2.09 -7.41
C GLU A 35 12.14 -2.80 -8.54
N PRO A 36 12.17 -2.21 -9.74
CA PRO A 36 12.88 -2.83 -10.87
C PRO A 36 14.27 -3.39 -10.53
N TYR A 37 15.05 -2.65 -9.76
CA TYR A 37 16.41 -3.08 -9.41
C TYR A 37 16.42 -4.45 -8.72
N GLN A 38 15.34 -4.77 -8.00
CA GLN A 38 15.25 -6.04 -7.29
C GLN A 38 15.12 -7.22 -8.25
N LEU A 39 14.63 -6.96 -9.46
CA LEU A 39 14.47 -8.01 -10.44
C LEU A 39 15.83 -8.43 -11.00
N GLN A 40 16.85 -7.62 -10.72
CA GLN A 40 18.21 -7.91 -11.17
C GLN A 40 19.01 -8.35 -9.94
N ASN A 41 18.28 -8.72 -8.89
CA ASN A 41 18.89 -9.14 -7.65
C ASN A 41 18.65 -10.63 -7.46
N GLU A 42 19.73 -11.40 -7.46
CA GLU A 42 19.69 -12.85 -7.30
C GLU A 42 18.75 -13.31 -6.19
N LYS A 43 18.97 -12.83 -4.98
CA LYS A 43 18.16 -13.21 -3.84
C LYS A 43 16.72 -12.70 -3.84
N ASP A 44 16.52 -11.44 -4.23
CA ASP A 44 15.15 -10.92 -4.26
C ASP A 44 14.33 -11.73 -5.23
N VAL A 45 14.92 -12.05 -6.39
CA VAL A 45 14.22 -12.84 -7.40
C VAL A 45 13.83 -14.21 -6.83
N GLN A 46 14.78 -14.86 -6.15
CA GLN A 46 14.53 -16.16 -5.55
C GLN A 46 13.39 -16.06 -4.53
N MET A 47 13.43 -15.01 -3.72
CA MET A 47 12.39 -14.78 -2.71
C MET A 47 11.02 -14.66 -3.37
N LEU A 48 10.93 -13.88 -4.44
CA LEU A 48 9.68 -13.67 -5.15
C LEU A 48 9.12 -14.98 -5.72
N LYS A 49 9.98 -15.73 -6.40
CA LYS A 49 9.56 -17.00 -6.99
C LYS A 49 9.20 -18.02 -5.92
N ARG A 50 9.88 -17.93 -4.79
CA ARG A 50 9.66 -18.86 -3.69
C ARG A 50 8.41 -18.67 -2.84
N HIS A 51 8.20 -17.46 -2.33
CA HIS A 51 7.08 -17.21 -1.43
C HIS A 51 5.86 -16.43 -1.92
N PHE A 52 6.01 -15.67 -3.00
CA PHE A 52 4.92 -14.83 -3.47
C PHE A 52 4.25 -15.20 -4.78
N ASN A 53 2.93 -15.00 -4.84
CA ASN A 53 2.17 -15.29 -6.05
C ASN A 53 1.35 -14.07 -6.48
N SER A 54 1.79 -12.90 -6.00
CA SER A 54 1.16 -11.63 -6.34
C SER A 54 2.23 -10.56 -6.23
N ILE A 55 2.20 -9.59 -7.13
CA ILE A 55 3.21 -8.55 -7.11
C ILE A 55 2.60 -7.18 -7.40
N VAL A 56 3.22 -6.14 -6.85
CA VAL A 56 2.77 -4.77 -7.03
C VAL A 56 4.01 -3.88 -7.17
N ALA A 57 3.91 -2.85 -7.99
CA ALA A 57 5.05 -1.94 -8.16
C ALA A 57 5.05 -0.95 -7.01
N GLU A 58 6.15 -0.90 -6.28
CA GLU A 58 6.27 0.01 -5.15
C GLU A 58 6.25 1.47 -5.58
N ASN A 59 6.79 1.76 -6.76
CA ASN A 59 6.85 3.15 -7.22
C ASN A 59 6.72 3.47 -8.70
N VAL A 60 7.15 2.57 -9.58
CA VAL A 60 7.14 2.84 -11.02
C VAL A 60 5.82 2.88 -11.75
N MET A 61 4.71 2.69 -11.04
CA MET A 61 3.41 2.77 -11.71
C MET A 61 2.58 3.94 -11.20
N LYS A 62 3.15 4.74 -10.32
CA LYS A 62 2.42 5.90 -9.81
C LYS A 62 2.34 6.94 -10.92
N PRO A 63 1.36 7.85 -10.86
CA PRO A 63 1.18 8.88 -11.86
C PRO A 63 2.43 9.60 -12.39
N ILE A 64 3.26 10.15 -11.51
CA ILE A 64 4.43 10.87 -12.00
C ILE A 64 5.44 9.95 -12.70
N SER A 65 5.39 8.65 -12.39
CA SER A 65 6.30 7.72 -13.04
C SER A 65 5.79 7.35 -14.42
N ILE A 66 4.48 7.35 -14.61
CA ILE A 66 3.89 6.98 -15.90
C ILE A 66 3.73 8.14 -16.90
N GLN A 67 3.18 9.27 -16.44
CA GLN A 67 3.00 10.41 -17.34
C GLN A 67 3.43 11.72 -16.69
N PRO A 68 4.75 11.92 -16.53
CA PRO A 68 5.29 13.14 -15.92
C PRO A 68 5.12 14.37 -16.80
N GLU A 69 4.90 14.15 -18.10
CA GLU A 69 4.71 15.23 -19.06
C GLU A 69 3.47 14.84 -19.86
N GLU A 70 2.54 15.77 -20.06
CA GLU A 70 1.33 15.43 -20.79
C GLU A 70 1.58 14.83 -22.16
N GLY A 71 1.02 13.65 -22.37
CA GLY A 71 1.17 12.96 -23.65
C GLY A 71 2.39 12.06 -23.74
N LYS A 72 3.28 12.14 -22.75
CA LYS A 72 4.49 11.32 -22.75
C LYS A 72 4.44 10.23 -21.68
N PHE A 73 4.09 9.02 -22.08
CA PHE A 73 4.01 7.90 -21.15
C PHE A 73 5.32 7.10 -21.11
N ASN A 74 5.75 6.79 -19.89
CA ASN A 74 6.98 6.03 -19.67
C ASN A 74 6.66 4.71 -18.99
N PHE A 75 6.37 3.69 -19.79
CA PHE A 75 6.02 2.36 -19.28
C PHE A 75 7.21 1.40 -19.18
N GLU A 76 8.40 1.86 -19.51
CA GLU A 76 9.58 1.00 -19.47
C GLU A 76 9.74 0.22 -18.17
N GLN A 77 9.78 0.92 -17.04
CA GLN A 77 9.93 0.24 -15.75
C GLN A 77 8.73 -0.61 -15.41
N ALA A 78 7.54 -0.08 -15.65
CA ALA A 78 6.31 -0.80 -15.35
C ALA A 78 6.28 -2.12 -16.14
N ASP A 79 6.62 -2.05 -17.42
CA ASP A 79 6.65 -3.24 -18.27
C ASP A 79 7.54 -4.32 -17.67
N ARG A 80 8.66 -3.93 -17.09
CA ARG A 80 9.59 -4.89 -16.49
C ARG A 80 8.94 -5.66 -15.35
N ILE A 81 8.11 -4.99 -14.56
CA ILE A 81 7.43 -5.64 -13.44
C ILE A 81 6.39 -6.63 -13.96
N VAL A 82 5.57 -6.16 -14.91
CA VAL A 82 4.52 -6.99 -15.50
C VAL A 82 5.11 -8.22 -16.17
N LYS A 83 6.18 -8.03 -16.93
CA LYS A 83 6.85 -9.12 -17.62
C LYS A 83 7.30 -10.19 -16.64
N PHE A 84 7.90 -9.76 -15.52
CA PHE A 84 8.37 -10.70 -14.49
C PHE A 84 7.19 -11.45 -13.90
N ALA A 85 6.12 -10.73 -13.58
CA ALA A 85 4.92 -11.34 -12.99
C ALA A 85 4.33 -12.41 -13.90
N LYS A 86 4.18 -12.08 -15.18
CA LYS A 86 3.61 -13.02 -16.14
C LYS A 86 4.47 -14.27 -16.29
N ALA A 87 5.78 -14.07 -16.35
CA ALA A 87 6.72 -15.17 -16.50
C ALA A 87 6.70 -16.11 -15.32
N ASN A 88 6.21 -15.64 -14.18
CA ASN A 88 6.15 -16.46 -12.97
C ASN A 88 4.73 -16.71 -12.48
N GLY A 89 3.74 -16.48 -13.34
CA GLY A 89 2.35 -16.71 -12.98
C GLY A 89 1.80 -15.95 -11.79
N MET A 90 2.36 -14.78 -11.51
CA MET A 90 1.91 -14.00 -10.37
C MET A 90 0.80 -13.01 -10.70
N ASP A 91 -0.13 -12.81 -9.77
CA ASP A 91 -1.19 -11.84 -9.98
C ASP A 91 -0.52 -10.47 -9.90
N ILE A 92 -1.17 -9.45 -10.43
CA ILE A 92 -0.60 -8.12 -10.39
C ILE A 92 -1.59 -7.10 -9.88
N ARG A 93 -1.10 -6.18 -9.06
CA ARG A 93 -1.93 -5.11 -8.54
C ARG A 93 -1.35 -3.83 -9.13
N PHE A 94 -2.19 -2.88 -9.48
CA PHE A 94 -1.68 -1.63 -10.03
C PHE A 94 -1.60 -0.58 -8.94
N HIS A 95 -0.39 -0.12 -8.62
CA HIS A 95 -0.25 0.88 -7.59
C HIS A 95 -0.71 2.28 -8.05
N THR A 96 -1.98 2.51 -7.73
CA THR A 96 -2.80 3.70 -7.96
C THR A 96 -2.69 4.52 -9.25
N LEU A 97 -3.87 4.82 -9.78
CA LEU A 97 -4.10 5.61 -10.98
C LEU A 97 -4.28 7.09 -10.63
N VAL A 98 -4.76 7.35 -9.42
CA VAL A 98 -4.99 8.71 -8.94
C VAL A 98 -4.46 8.82 -7.51
N TRP A 99 -3.64 9.84 -7.25
CA TRP A 99 -3.05 10.03 -5.93
C TRP A 99 -2.60 11.48 -5.79
N HIS A 100 -2.81 12.06 -4.61
CA HIS A 100 -2.42 13.45 -4.37
C HIS A 100 -0.92 13.60 -4.20
N SER A 101 -0.26 12.54 -3.74
CA SER A 101 1.17 12.57 -3.51
C SER A 101 1.99 12.56 -4.78
N GLN A 102 2.94 13.50 -4.87
CA GLN A 102 3.81 13.63 -6.04
C GLN A 102 3.04 13.65 -7.36
N VAL A 103 1.88 14.27 -7.37
CA VAL A 103 1.10 14.32 -8.60
C VAL A 103 1.73 15.26 -9.63
N PRO A 104 1.74 14.86 -10.91
CA PRO A 104 2.33 15.73 -11.94
C PRO A 104 1.51 17.02 -11.92
N GLN A 105 2.18 18.15 -11.74
CA GLN A 105 1.49 19.44 -11.66
C GLN A 105 0.81 19.93 -12.93
N TRP A 106 1.27 19.49 -14.09
CA TRP A 106 0.66 19.92 -15.36
C TRP A 106 -0.82 19.60 -15.45
N PHE A 107 -1.27 18.59 -14.70
CA PHE A 107 -2.68 18.19 -14.71
C PHE A 107 -3.58 19.37 -14.35
N PHE A 108 -3.14 20.13 -13.35
CA PHE A 108 -3.92 21.23 -12.81
C PHE A 108 -3.73 22.63 -13.36
N LEU A 109 -3.26 22.74 -14.61
CA LEU A 109 -3.10 24.05 -15.24
C LEU A 109 -4.18 24.19 -16.30
N ASP A 110 -4.88 25.32 -16.30
CA ASP A 110 -5.94 25.52 -17.28
C ASP A 110 -5.40 25.72 -18.69
N LYS A 111 -6.32 25.88 -19.63
CA LYS A 111 -6.00 26.07 -21.03
C LYS A 111 -4.96 27.16 -21.26
N GLU A 112 -5.00 28.19 -20.42
CA GLU A 112 -4.09 29.32 -20.53
C GLU A 112 -2.77 29.04 -19.81
N GLY A 113 -2.72 27.94 -19.07
CA GLY A 113 -1.50 27.58 -18.35
C GLY A 113 -1.50 28.07 -16.92
N LYS A 114 -2.60 28.67 -16.49
CA LYS A 114 -2.70 29.18 -15.12
C LYS A 114 -3.20 28.11 -14.16
N PRO A 115 -2.83 28.22 -12.87
CA PRO A 115 -3.26 27.25 -11.86
C PRO A 115 -4.78 27.24 -11.74
N MET A 116 -5.40 26.10 -12.03
CA MET A 116 -6.86 25.97 -11.96
C MET A 116 -7.42 26.31 -10.58
N VAL A 117 -6.66 26.01 -9.52
CA VAL A 117 -7.12 26.28 -8.16
C VAL A 117 -7.37 27.76 -7.87
N ASN A 118 -6.79 28.65 -8.68
CA ASN A 118 -6.97 30.07 -8.47
C ASN A 118 -8.23 30.63 -9.14
N GLU A 119 -8.79 29.88 -10.08
CA GLU A 119 -9.98 30.34 -10.79
C GLU A 119 -11.20 30.51 -9.87
N THR A 120 -11.84 31.68 -9.96
CA THR A 120 -13.01 32.00 -9.14
C THR A 120 -14.32 32.02 -9.91
N ASP A 121 -14.25 32.22 -11.22
CA ASP A 121 -15.44 32.25 -12.05
C ASP A 121 -16.01 30.83 -12.18
N PRO A 122 -17.23 30.60 -11.68
CA PRO A 122 -17.90 29.30 -11.71
C PRO A 122 -17.95 28.67 -13.10
N VAL A 123 -18.08 29.48 -14.13
CA VAL A 123 -18.15 28.96 -15.49
C VAL A 123 -16.77 28.52 -15.97
N LYS A 124 -15.74 29.28 -15.61
CA LYS A 124 -14.39 28.90 -15.99
C LYS A 124 -13.96 27.68 -15.18
N ARG A 125 -14.43 27.60 -13.93
CA ARG A 125 -14.10 26.46 -13.08
C ARG A 125 -14.69 25.19 -13.67
N GLU A 126 -15.88 25.32 -14.27
CA GLU A 126 -16.55 24.19 -14.90
C GLU A 126 -15.72 23.76 -16.10
N GLN A 127 -15.21 24.74 -16.84
CA GLN A 127 -14.38 24.46 -18.00
C GLN A 127 -13.11 23.73 -17.57
N ASN A 128 -12.48 24.22 -16.51
CA ASN A 128 -11.26 23.61 -15.99
C ASN A 128 -11.52 22.19 -15.51
N LYS A 129 -12.66 21.99 -14.85
CA LYS A 129 -13.04 20.67 -14.36
C LYS A 129 -13.10 19.70 -15.53
N GLN A 130 -13.75 20.11 -16.62
CA GLN A 130 -13.87 19.25 -17.79
C GLN A 130 -12.51 18.89 -18.36
N LEU A 131 -11.58 19.83 -18.35
CA LEU A 131 -10.24 19.60 -18.87
C LEU A 131 -9.50 18.59 -17.98
N LEU A 132 -9.58 18.79 -16.67
CA LEU A 132 -8.93 17.92 -15.71
C LEU A 132 -9.50 16.50 -15.78
N LEU A 133 -10.83 16.38 -15.83
CA LEU A 133 -11.47 15.07 -15.91
C LEU A 133 -11.13 14.38 -17.21
N LYS A 134 -10.93 15.17 -18.27
CA LYS A 134 -10.58 14.62 -19.57
C LYS A 134 -9.16 14.06 -19.49
N ARG A 135 -8.26 14.80 -18.85
CA ARG A 135 -6.88 14.35 -18.67
C ARG A 135 -6.86 13.07 -17.83
N LEU A 136 -7.68 13.06 -16.78
CA LEU A 136 -7.77 11.91 -15.90
C LEU A 136 -8.17 10.66 -16.70
N GLU A 137 -9.18 10.81 -17.55
CA GLU A 137 -9.65 9.70 -18.37
C GLU A 137 -8.59 9.22 -19.33
N THR A 138 -7.90 10.16 -19.98
CA THR A 138 -6.84 9.80 -20.92
C THR A 138 -5.74 9.03 -20.19
N HIS A 139 -5.38 9.50 -19.00
CA HIS A 139 -4.36 8.85 -18.20
C HIS A 139 -4.78 7.42 -17.89
N ILE A 140 -6.00 7.25 -17.38
CA ILE A 140 -6.51 5.93 -17.03
C ILE A 140 -6.69 5.00 -18.24
N LYS A 141 -7.26 5.54 -19.31
CA LYS A 141 -7.50 4.76 -20.53
C LYS A 141 -6.21 4.19 -21.11
N THR A 142 -5.21 5.05 -21.25
CA THR A 142 -3.93 4.63 -21.81
C THR A 142 -3.32 3.49 -20.98
N ILE A 143 -3.31 3.65 -19.68
CA ILE A 143 -2.74 2.64 -18.79
C ILE A 143 -3.56 1.36 -18.73
N VAL A 144 -4.86 1.50 -18.52
CA VAL A 144 -5.73 0.35 -18.43
C VAL A 144 -5.76 -0.49 -19.72
N GLU A 145 -5.80 0.16 -20.88
CA GLU A 145 -5.83 -0.58 -22.13
C GLU A 145 -4.53 -1.33 -22.36
N ARG A 146 -3.44 -0.79 -21.84
CA ARG A 146 -2.14 -1.41 -21.99
C ARG A 146 -1.99 -2.66 -21.12
N TYR A 147 -2.53 -2.64 -19.91
CA TYR A 147 -2.36 -3.76 -18.99
C TYR A 147 -3.62 -4.55 -18.58
N LYS A 148 -4.80 -4.21 -19.10
CA LYS A 148 -6.02 -4.87 -18.66
C LYS A 148 -5.95 -6.40 -18.73
N ASP A 149 -5.20 -6.95 -19.68
CA ASP A 149 -5.13 -8.40 -19.79
C ASP A 149 -4.14 -9.04 -18.82
N ASP A 150 -3.28 -8.23 -18.21
CA ASP A 150 -2.29 -8.76 -17.29
C ASP A 150 -2.52 -8.38 -15.83
N ILE A 151 -3.02 -7.17 -15.61
CA ILE A 151 -3.27 -6.68 -14.26
C ILE A 151 -4.74 -6.74 -13.91
N LYS A 152 -5.08 -7.61 -12.95
CA LYS A 152 -6.45 -7.81 -12.53
C LYS A 152 -6.95 -6.89 -11.41
N TYR A 153 -6.06 -6.52 -10.48
CA TYR A 153 -6.47 -5.66 -9.37
C TYR A 153 -5.90 -4.26 -9.52
N TRP A 154 -6.76 -3.26 -9.33
CA TRP A 154 -6.35 -1.88 -9.50
C TRP A 154 -6.70 -0.91 -8.38
N ASP A 155 -5.70 -0.18 -7.90
CA ASP A 155 -5.98 0.83 -6.89
C ASP A 155 -6.32 2.04 -7.76
N VAL A 156 -7.61 2.22 -8.04
CA VAL A 156 -8.04 3.33 -8.90
C VAL A 156 -7.73 4.68 -8.26
N VAL A 157 -8.10 4.85 -6.99
CA VAL A 157 -7.80 6.09 -6.30
C VAL A 157 -7.06 5.70 -5.03
N ASN A 158 -6.21 6.59 -4.56
CA ASN A 158 -5.41 6.31 -3.39
C ASN A 158 -5.45 7.47 -2.39
N GLU A 159 -5.70 7.15 -1.13
CA GLU A 159 -5.72 8.14 -0.06
C GLU A 159 -6.58 9.38 -0.31
N VAL A 160 -7.81 9.17 -0.76
CA VAL A 160 -8.69 10.30 -1.05
C VAL A 160 -9.44 10.85 0.16
N VAL A 161 -9.33 10.16 1.29
CA VAL A 161 -9.98 10.61 2.52
C VAL A 161 -8.92 11.06 3.51
N GLY A 162 -9.06 12.27 4.04
CA GLY A 162 -8.08 12.78 4.99
C GLY A 162 -8.19 12.12 6.36
N ASP A 163 -7.14 12.27 7.16
CA ASP A 163 -7.14 11.68 8.50
C ASP A 163 -8.09 12.39 9.46
N ASP A 164 -8.58 13.56 9.05
CA ASP A 164 -9.51 14.30 9.89
C ASP A 164 -10.94 13.84 9.60
N GLY A 165 -11.07 12.85 8.73
CA GLY A 165 -12.38 12.32 8.41
C GLY A 165 -13.07 13.02 7.26
N LYS A 166 -12.38 13.96 6.64
CA LYS A 166 -12.95 14.70 5.52
C LYS A 166 -12.23 14.32 4.24
N LEU A 167 -12.89 14.53 3.10
CA LEU A 167 -12.27 14.23 1.83
C LEU A 167 -10.96 15.02 1.75
N ARG A 168 -9.89 14.37 1.30
CA ARG A 168 -8.61 15.06 1.20
C ARG A 168 -8.76 16.21 0.23
N ASN A 169 -8.40 17.40 0.69
CA ASN A 169 -8.53 18.60 -0.14
C ASN A 169 -7.37 18.83 -1.10
N SER A 170 -7.07 17.83 -1.92
CA SER A 170 -5.98 17.96 -2.90
C SER A 170 -6.50 18.72 -4.11
N PRO A 171 -5.61 19.07 -5.05
CA PRO A 171 -6.07 19.80 -6.23
C PRO A 171 -7.17 19.04 -6.98
N TRP A 172 -7.09 17.71 -6.97
CA TRP A 172 -8.09 16.89 -7.62
C TRP A 172 -9.48 17.26 -7.09
N TYR A 173 -9.58 17.33 -5.77
CA TYR A 173 -10.85 17.66 -5.12
C TYR A 173 -11.21 19.14 -5.23
N GLN A 174 -10.23 20.01 -5.01
CA GLN A 174 -10.46 21.44 -5.08
C GLN A 174 -11.00 21.87 -6.43
N ILE A 175 -10.56 21.18 -7.48
CA ILE A 175 -10.96 21.52 -8.84
C ILE A 175 -12.18 20.76 -9.37
N ALA A 176 -12.22 19.46 -9.15
CA ALA A 176 -13.33 18.65 -9.67
C ALA A 176 -14.32 18.19 -8.60
N GLY A 177 -13.99 18.38 -7.33
CA GLY A 177 -14.89 17.94 -6.29
C GLY A 177 -14.94 16.42 -6.26
N ILE A 178 -16.01 15.87 -5.72
CA ILE A 178 -16.15 14.42 -5.60
C ILE A 178 -16.17 13.68 -6.95
N ASP A 179 -16.46 14.40 -8.04
CA ASP A 179 -16.52 13.77 -9.35
C ASP A 179 -15.23 13.14 -9.87
N TYR A 180 -14.07 13.58 -9.39
CA TYR A 180 -12.83 13.00 -9.87
C TYR A 180 -12.74 11.54 -9.46
N ILE A 181 -13.33 11.22 -8.31
CA ILE A 181 -13.32 9.84 -7.82
C ILE A 181 -14.30 8.98 -8.64
N LYS A 182 -15.46 9.54 -8.96
CA LYS A 182 -16.46 8.81 -9.74
C LYS A 182 -15.94 8.53 -11.15
N VAL A 183 -15.34 9.55 -11.77
CA VAL A 183 -14.80 9.40 -13.11
C VAL A 183 -13.65 8.40 -13.19
N ALA A 184 -12.78 8.39 -12.18
CA ALA A 184 -11.66 7.46 -12.17
C ALA A 184 -12.16 6.02 -12.22
N PHE A 185 -13.09 5.68 -11.34
CA PHE A 185 -13.65 4.33 -11.31
C PHE A 185 -14.39 3.97 -12.60
N GLN A 186 -15.21 4.89 -13.09
CA GLN A 186 -15.96 4.64 -14.30
C GLN A 186 -15.08 4.51 -15.53
N ALA A 187 -13.99 5.27 -15.57
CA ALA A 187 -13.06 5.18 -16.69
C ALA A 187 -12.34 3.84 -16.65
N ALA A 188 -11.94 3.42 -15.46
CA ALA A 188 -11.23 2.15 -15.31
C ALA A 188 -12.12 1.00 -15.79
N ARG A 189 -13.37 0.98 -15.35
CA ARG A 189 -14.31 -0.06 -15.75
C ARG A 189 -14.57 -0.03 -17.26
N LYS A 190 -14.85 1.16 -17.78
CA LYS A 190 -15.13 1.31 -19.20
C LYS A 190 -14.03 0.79 -20.11
N TYR A 191 -12.78 1.19 -19.84
CA TYR A 191 -11.65 0.77 -20.66
C TYR A 191 -11.02 -0.53 -20.21
N GLY A 192 -11.28 -0.93 -18.98
CA GLY A 192 -10.71 -2.16 -18.46
C GLY A 192 -11.56 -3.39 -18.59
N GLY A 193 -12.87 -3.21 -18.74
CA GLY A 193 -13.76 -4.36 -18.87
C GLY A 193 -14.31 -4.76 -17.51
N ASP A 194 -15.20 -5.75 -17.53
CA ASP A 194 -15.83 -6.22 -16.29
C ASP A 194 -14.99 -7.22 -15.49
N ASN A 195 -13.88 -7.68 -16.05
CA ASN A 195 -13.06 -8.67 -15.36
C ASN A 195 -11.99 -8.14 -14.40
N ILE A 196 -11.64 -6.87 -14.49
CA ILE A 196 -10.64 -6.33 -13.56
C ILE A 196 -11.36 -5.84 -12.30
N LYS A 197 -10.67 -5.92 -11.17
CA LYS A 197 -11.24 -5.50 -9.90
C LYS A 197 -10.73 -4.11 -9.52
N LEU A 198 -11.66 -3.23 -9.17
CA LEU A 198 -11.32 -1.86 -8.83
C LEU A 198 -11.39 -1.58 -7.33
N TYR A 199 -10.33 -0.97 -6.79
CA TYR A 199 -10.27 -0.68 -5.36
C TYR A 199 -9.97 0.75 -5.01
N MET A 200 -10.41 1.10 -3.80
CA MET A 200 -10.12 2.40 -3.23
C MET A 200 -9.10 2.05 -2.13
N ASN A 201 -7.87 2.54 -2.26
CA ASN A 201 -6.80 2.21 -1.31
C ASN A 201 -6.54 3.33 -0.33
N ASP A 202 -6.22 2.98 0.92
CA ASP A 202 -5.93 3.98 1.93
C ASP A 202 -5.29 3.36 3.17
N TYR A 203 -4.70 4.20 4.01
CA TYR A 203 -4.08 3.74 5.26
C TYR A 203 -4.97 4.22 6.39
N ASN A 204 -4.81 3.62 7.57
CA ASN A 204 -5.62 3.97 8.73
C ASN A 204 -7.11 3.79 8.46
N THR A 205 -7.42 2.78 7.66
CA THR A 205 -8.79 2.46 7.31
C THR A 205 -9.51 1.93 8.56
N GLU A 206 -8.76 1.61 9.60
CA GLU A 206 -9.32 1.08 10.84
C GLU A 206 -9.56 2.16 11.88
N VAL A 207 -9.13 3.38 11.60
CA VAL A 207 -9.25 4.47 12.55
C VAL A 207 -10.36 5.47 12.26
N GLU A 208 -11.08 5.87 13.32
CA GLU A 208 -12.15 6.85 13.19
C GLU A 208 -11.51 8.23 13.37
N PRO A 209 -12.08 9.27 12.73
CA PRO A 209 -13.26 9.27 11.87
C PRO A 209 -13.03 8.85 10.42
N LYS A 210 -11.79 8.57 10.06
CA LYS A 210 -11.45 8.19 8.69
C LYS A 210 -12.23 6.96 8.20
N ARG A 211 -12.29 5.93 9.04
CA ARG A 211 -12.99 4.70 8.68
C ARG A 211 -14.45 4.91 8.26
N THR A 212 -15.21 5.63 9.07
CA THR A 212 -16.63 5.88 8.77
C THR A 212 -16.76 6.80 7.56
N ALA A 213 -15.87 7.78 7.44
CA ALA A 213 -15.90 8.70 6.31
C ALA A 213 -15.70 7.88 5.03
N LEU A 214 -14.74 6.96 5.09
CA LEU A 214 -14.42 6.10 3.96
C LEU A 214 -15.63 5.22 3.64
N TYR A 215 -16.25 4.71 4.70
CA TYR A 215 -17.43 3.85 4.59
C TYR A 215 -18.56 4.58 3.88
N ASN A 216 -18.89 5.77 4.38
CA ASN A 216 -19.96 6.57 3.80
C ASN A 216 -19.68 6.91 2.34
N LEU A 217 -18.43 7.27 2.03
CA LEU A 217 -18.05 7.61 0.67
C LEU A 217 -18.29 6.46 -0.30
N VAL A 218 -17.78 5.27 0.03
CA VAL A 218 -17.95 4.13 -0.86
C VAL A 218 -19.42 3.69 -0.94
N LYS A 219 -20.13 3.83 0.17
CA LYS A 219 -21.54 3.45 0.22
C LYS A 219 -22.35 4.33 -0.74
N GLN A 220 -22.06 5.62 -0.74
CA GLN A 220 -22.76 6.56 -1.61
C GLN A 220 -22.41 6.34 -3.08
N LEU A 221 -21.12 6.15 -3.37
CA LEU A 221 -20.68 5.91 -4.74
C LEU A 221 -21.34 4.67 -5.33
N LYS A 222 -21.37 3.58 -4.57
CA LYS A 222 -22.00 2.36 -5.04
C LYS A 222 -23.49 2.58 -5.26
N GLU A 223 -24.08 3.42 -4.42
CA GLU A 223 -25.50 3.71 -4.53
C GLU A 223 -25.76 4.47 -5.84
N GLU A 224 -24.75 5.20 -6.30
CA GLU A 224 -24.86 5.96 -7.53
C GLU A 224 -24.42 5.15 -8.75
N GLY A 225 -24.15 3.87 -8.54
CA GLY A 225 -23.74 3.02 -9.65
C GLY A 225 -22.27 3.09 -10.02
N VAL A 226 -21.45 3.76 -9.21
CA VAL A 226 -20.02 3.83 -9.50
C VAL A 226 -19.43 2.44 -9.25
N PRO A 227 -18.72 1.89 -10.23
CA PRO A 227 -18.11 0.56 -10.11
C PRO A 227 -16.88 0.48 -9.21
N ILE A 228 -17.08 -0.02 -8.00
CA ILE A 228 -15.98 -0.19 -7.04
C ILE A 228 -16.15 -1.57 -6.42
N ASP A 229 -15.16 -2.42 -6.63
CA ASP A 229 -15.21 -3.80 -6.14
C ASP A 229 -14.68 -4.07 -4.74
N GLY A 230 -13.79 -3.22 -4.25
CA GLY A 230 -13.25 -3.46 -2.92
C GLY A 230 -12.45 -2.34 -2.31
N ILE A 231 -12.02 -2.55 -1.08
CA ILE A 231 -11.23 -1.58 -0.35
C ILE A 231 -9.83 -2.13 -0.17
N GLY A 232 -8.84 -1.26 -0.35
CA GLY A 232 -7.47 -1.65 -0.14
C GLY A 232 -7.04 -1.08 1.19
N HIS A 233 -6.59 -1.94 2.10
CA HIS A 233 -6.15 -1.50 3.42
C HIS A 233 -4.62 -1.54 3.44
N GLN A 234 -3.98 -0.39 3.29
CA GLN A 234 -2.51 -0.32 3.28
C GLN A 234 -1.90 -1.10 4.44
N SER A 235 -2.52 -0.99 5.61
CA SER A 235 -2.05 -1.69 6.78
C SER A 235 -0.61 -1.37 7.23
N HIS A 236 -0.30 -0.09 7.33
CA HIS A 236 1.01 0.31 7.82
C HIS A 236 0.75 0.38 9.31
N ILE A 237 0.82 -0.78 9.94
CA ILE A 237 0.52 -0.94 11.35
C ILE A 237 1.72 -1.11 12.27
N GLN A 238 1.42 -1.24 13.55
CA GLN A 238 2.44 -1.40 14.59
C GLN A 238 2.26 -2.73 15.32
N ILE A 239 3.07 -2.96 16.34
CA ILE A 239 3.01 -4.20 17.09
C ILE A 239 1.71 -4.43 17.86
N GLY A 240 1.13 -3.36 18.40
CA GLY A 240 -0.11 -3.49 19.15
C GLY A 240 -1.20 -2.53 18.74
N TRP A 241 -1.02 -1.86 17.62
CA TRP A 241 -2.00 -0.90 17.10
C TRP A 241 -1.99 -0.98 15.58
N PRO A 242 -3.18 -1.06 14.95
CA PRO A 242 -4.50 -1.07 15.59
C PRO A 242 -4.75 -2.47 16.17
N SER A 243 -5.66 -2.57 17.12
CA SER A 243 -5.95 -3.85 17.74
C SER A 243 -6.59 -4.79 16.72
N GLU A 244 -6.47 -6.09 16.97
CA GLU A 244 -7.06 -7.08 16.08
C GLU A 244 -8.58 -6.85 16.02
N ALA A 245 -9.18 -6.46 17.14
CA ALA A 245 -10.62 -6.22 17.19
C ALA A 245 -11.04 -5.13 16.20
N GLU A 246 -10.31 -4.03 16.16
CA GLU A 246 -10.64 -2.94 15.25
C GLU A 246 -10.39 -3.36 13.81
N ILE A 247 -9.35 -4.16 13.58
CA ILE A 247 -9.07 -4.61 12.22
C ILE A 247 -10.22 -5.50 11.75
N GLU A 248 -10.67 -6.38 12.63
CA GLU A 248 -11.77 -7.27 12.30
C GLU A 248 -13.06 -6.50 12.03
N LYS A 249 -13.34 -5.51 12.88
CA LYS A 249 -14.53 -4.69 12.72
C LYS A 249 -14.49 -3.95 11.38
N THR A 250 -13.29 -3.52 11.00
CA THR A 250 -13.10 -2.79 9.75
C THR A 250 -13.36 -3.68 8.54
N ILE A 251 -12.80 -4.88 8.56
CA ILE A 251 -12.98 -5.83 7.46
C ILE A 251 -14.44 -6.23 7.29
N ASN A 252 -15.11 -6.56 8.39
CA ASN A 252 -16.51 -6.98 8.34
C ASN A 252 -17.40 -5.85 7.83
N MET A 253 -17.11 -4.65 8.31
CA MET A 253 -17.87 -3.46 7.94
C MET A 253 -17.94 -3.32 6.41
N PHE A 254 -16.79 -3.39 5.74
CA PHE A 254 -16.74 -3.23 4.30
C PHE A 254 -17.25 -4.45 3.54
N ALA A 255 -17.03 -5.65 4.08
CA ALA A 255 -17.51 -6.86 3.44
C ALA A 255 -19.03 -6.85 3.43
N ALA A 256 -19.62 -6.20 4.43
CA ALA A 256 -21.08 -6.11 4.55
C ALA A 256 -21.70 -5.29 3.40
N LEU A 257 -20.90 -4.43 2.78
CA LEU A 257 -21.37 -3.63 1.67
C LEU A 257 -21.13 -4.38 0.37
N GLY A 258 -20.71 -5.64 0.49
CA GLY A 258 -20.45 -6.44 -0.68
C GLY A 258 -19.10 -6.14 -1.32
N LEU A 259 -18.20 -5.53 -0.56
CA LEU A 259 -16.87 -5.19 -1.06
C LEU A 259 -15.81 -6.22 -0.70
N ASP A 260 -14.86 -6.41 -1.61
CA ASP A 260 -13.75 -7.32 -1.37
C ASP A 260 -12.76 -6.53 -0.49
N ASN A 261 -11.86 -7.23 0.19
CA ASN A 261 -10.87 -6.57 1.02
C ASN A 261 -9.48 -7.14 0.70
N GLN A 262 -8.51 -6.25 0.56
CA GLN A 262 -7.15 -6.67 0.32
C GLN A 262 -6.21 -5.88 1.21
N ILE A 263 -5.33 -6.59 1.92
CA ILE A 263 -4.29 -5.93 2.72
C ILE A 263 -3.23 -5.64 1.65
N THR A 264 -3.04 -4.36 1.34
CA THR A 264 -2.19 -3.94 0.24
C THR A 264 -0.75 -3.53 0.49
N GLU A 265 -0.44 -2.97 1.66
CA GLU A 265 0.94 -2.52 1.87
C GLU A 265 1.41 -2.84 3.28
N LEU A 266 1.12 -4.07 3.70
CA LEU A 266 1.48 -4.51 5.03
C LEU A 266 2.93 -4.44 5.46
N ASP A 267 3.13 -3.89 6.65
CA ASP A 267 4.41 -3.83 7.33
C ASP A 267 4.13 -3.61 8.80
N VAL A 268 4.79 -4.39 9.65
CA VAL A 268 4.60 -4.29 11.10
C VAL A 268 5.82 -3.61 11.69
N SER A 269 5.72 -2.30 11.86
CA SER A 269 6.81 -1.52 12.41
C SER A 269 7.18 -1.95 13.82
N MET A 270 8.45 -1.75 14.17
CA MET A 270 8.95 -2.09 15.49
C MET A 270 8.70 -0.93 16.47
N TYR A 271 8.25 0.19 15.92
CA TYR A 271 8.04 1.39 16.73
C TYR A 271 6.62 1.94 16.80
N GLY A 272 6.45 2.99 17.59
CA GLY A 272 5.15 3.62 17.73
C GLY A 272 5.07 4.84 16.83
N TRP A 273 4.34 5.85 17.26
CA TRP A 273 4.20 7.05 16.46
C TRP A 273 4.02 8.29 17.32
N PRO A 274 4.92 9.30 17.19
CA PRO A 274 6.09 9.36 16.30
C PRO A 274 7.11 8.28 16.69
N PRO A 275 7.67 7.58 15.69
CA PRO A 275 8.66 6.53 15.93
C PRO A 275 10.04 6.93 16.43
N ARG A 276 10.54 6.19 17.41
CA ARG A 276 11.87 6.40 17.96
C ARG A 276 12.58 5.09 17.62
N ALA A 277 13.38 5.13 16.57
CA ALA A 277 14.06 3.94 16.09
C ALA A 277 15.45 3.66 16.62
N TYR A 278 15.91 2.44 16.33
CA TYR A 278 17.24 2.00 16.68
C TYR A 278 18.08 2.58 15.55
N PRO A 279 19.36 2.90 15.82
CA PRO A 279 20.22 3.47 14.78
C PRO A 279 20.61 2.50 13.67
N THR A 280 20.77 1.23 14.03
CA THR A 280 21.15 0.21 13.05
C THR A 280 20.30 -1.04 13.23
N TYR A 281 20.33 -1.92 12.24
CA TYR A 281 19.57 -3.15 12.32
C TYR A 281 20.08 -4.05 13.45
N ASP A 282 21.40 -4.08 13.65
CA ASP A 282 22.00 -4.91 14.69
C ASP A 282 21.66 -4.46 16.10
N ALA A 283 21.29 -3.19 16.26
CA ALA A 283 20.95 -2.68 17.58
C ALA A 283 19.60 -3.22 18.07
N ILE A 284 18.78 -3.74 17.16
CA ILE A 284 17.45 -4.28 17.52
C ILE A 284 17.59 -5.62 18.24
N PRO A 285 17.22 -5.67 19.53
CA PRO A 285 17.29 -6.89 20.35
C PRO A 285 16.26 -7.96 20.00
N LYS A 286 16.58 -9.20 20.37
CA LYS A 286 15.68 -10.33 20.11
C LYS A 286 14.30 -10.08 20.67
N GLN A 287 14.24 -9.36 21.78
CA GLN A 287 12.96 -9.05 22.41
C GLN A 287 11.98 -8.42 21.44
N LYS A 288 12.46 -7.51 20.61
CA LYS A 288 11.61 -6.82 19.65
C LYS A 288 11.05 -7.80 18.60
N PHE A 289 11.88 -8.72 18.15
CA PHE A 289 11.43 -9.69 17.15
C PHE A 289 10.41 -10.65 17.74
N LEU A 290 10.45 -10.83 19.07
CA LEU A 290 9.49 -11.73 19.71
C LEU A 290 8.12 -11.07 19.85
N ASP A 291 8.09 -9.77 20.18
CA ASP A 291 6.81 -9.07 20.29
C ASP A 291 6.21 -8.97 18.90
N GLN A 292 7.06 -8.78 17.90
CA GLN A 292 6.60 -8.68 16.52
C GLN A 292 6.04 -10.01 16.05
N ALA A 293 6.72 -11.10 16.42
CA ALA A 293 6.27 -12.43 16.03
C ALA A 293 4.89 -12.71 16.62
N ALA A 294 4.69 -12.32 17.87
CA ALA A 294 3.41 -12.55 18.53
C ALA A 294 2.32 -11.78 17.80
N ARG A 295 2.62 -10.57 17.36
CA ARG A 295 1.65 -9.75 16.64
C ARG A 295 1.31 -10.40 15.30
N TYR A 296 2.32 -10.82 14.56
CA TYR A 296 2.11 -11.49 13.29
C TYR A 296 1.26 -12.74 13.46
N ASP A 297 1.46 -13.43 14.58
CA ASP A 297 0.70 -14.63 14.87
C ASP A 297 -0.78 -14.28 14.98
N ARG A 298 -1.09 -13.27 15.78
CA ARG A 298 -2.48 -12.83 15.96
C ARG A 298 -3.04 -12.33 14.65
N LEU A 299 -2.26 -11.51 13.96
CA LEU A 299 -2.67 -10.92 12.69
C LEU A 299 -3.10 -11.93 11.63
N PHE A 300 -2.21 -12.85 11.27
CA PHE A 300 -2.55 -13.84 10.26
C PHE A 300 -3.56 -14.88 10.72
N LYS A 301 -3.81 -14.93 12.02
CA LYS A 301 -4.79 -15.85 12.54
C LYS A 301 -6.13 -15.18 12.27
N LEU A 302 -6.17 -13.85 12.42
CA LEU A 302 -7.37 -13.08 12.16
C LEU A 302 -7.68 -13.07 10.67
N TYR A 303 -6.64 -12.93 9.84
CA TYR A 303 -6.84 -12.93 8.39
C TYR A 303 -7.43 -14.26 7.92
N GLU A 304 -6.93 -15.38 8.44
CA GLU A 304 -7.45 -16.67 8.04
C GLU A 304 -8.92 -16.75 8.42
N LYS A 305 -9.22 -16.36 9.65
CA LYS A 305 -10.60 -16.37 10.12
C LYS A 305 -11.49 -15.58 9.16
N LEU A 306 -10.94 -14.54 8.55
CA LEU A 306 -11.69 -13.69 7.63
C LEU A 306 -11.31 -13.95 6.17
N SER A 307 -10.68 -15.08 5.89
CA SER A 307 -10.25 -15.41 4.54
C SER A 307 -11.34 -15.30 3.48
N ASP A 308 -12.60 -15.49 3.87
CA ASP A 308 -13.71 -15.40 2.93
C ASP A 308 -13.96 -13.96 2.52
N LYS A 309 -13.34 -13.02 3.21
CA LYS A 309 -13.53 -11.60 2.93
C LYS A 309 -12.24 -10.91 2.46
N ILE A 310 -11.14 -11.64 2.50
CA ILE A 310 -9.85 -11.11 2.08
C ILE A 310 -9.31 -11.98 0.94
N SER A 311 -9.03 -11.36 -0.20
CA SER A 311 -8.54 -12.10 -1.36
C SER A 311 -7.02 -12.01 -1.54
N ASN A 312 -6.40 -11.07 -0.84
CA ASN A 312 -4.95 -10.90 -0.95
C ASN A 312 -4.33 -10.14 0.21
N VAL A 313 -3.10 -10.53 0.54
CA VAL A 313 -2.33 -9.89 1.58
C VAL A 313 -0.96 -9.64 0.97
N THR A 314 -0.66 -8.36 0.74
CA THR A 314 0.61 -7.97 0.15
C THR A 314 1.47 -7.19 1.13
N PHE A 315 2.75 -7.52 1.16
CA PHE A 315 3.71 -6.83 2.03
C PHE A 315 4.33 -5.70 1.23
N TRP A 316 4.58 -4.56 1.87
CA TRP A 316 5.18 -3.45 1.15
C TRP A 316 6.69 -3.62 1.13
N GLY A 317 7.13 -4.76 0.59
CA GLY A 317 8.55 -5.06 0.51
C GLY A 317 8.80 -6.55 0.53
N ILE A 318 10.06 -6.95 0.36
CA ILE A 318 10.40 -8.37 0.35
C ILE A 318 11.07 -8.82 1.66
N ALA A 319 12.18 -8.17 2.01
CA ALA A 319 12.91 -8.50 3.22
C ALA A 319 13.36 -7.22 3.91
N ASP A 320 13.69 -7.33 5.20
CA ASP A 320 14.09 -6.17 5.98
C ASP A 320 15.23 -5.30 5.44
N ASN A 321 15.96 -5.77 4.44
CA ASN A 321 17.05 -4.96 3.91
C ASN A 321 16.54 -3.80 3.05
N HIS A 322 15.25 -3.80 2.75
CA HIS A 322 14.65 -2.73 1.97
C HIS A 322 13.22 -2.46 2.42
N THR A 323 13.00 -1.28 2.98
CA THR A 323 11.67 -0.90 3.46
C THR A 323 11.57 0.61 3.55
N TRP A 324 10.48 1.16 3.06
CA TRP A 324 10.27 2.61 3.10
C TRP A 324 10.17 3.11 4.54
N LEU A 325 9.96 2.20 5.49
CA LEU A 325 9.86 2.60 6.89
C LEU A 325 11.15 3.18 7.45
N ASP A 326 12.27 2.94 6.77
CA ASP A 326 13.52 3.50 7.24
C ASP A 326 13.52 5.02 7.08
N SER A 327 12.74 5.51 6.12
CA SER A 327 12.64 6.96 5.90
C SER A 327 11.90 7.62 7.06
N ARG A 328 11.16 6.81 7.82
CA ARG A 328 10.39 7.30 8.97
C ARG A 328 11.11 6.95 10.29
N ALA A 329 12.19 6.17 10.18
CA ALA A 329 12.93 5.73 11.35
C ALA A 329 13.81 6.81 11.98
N ASP A 330 13.18 7.74 12.69
CA ASP A 330 13.91 8.82 13.34
C ASP A 330 14.63 8.30 14.59
N VAL A 331 15.89 8.67 14.73
CA VAL A 331 16.67 8.26 15.89
C VAL A 331 16.81 9.42 16.87
N TYR A 332 16.28 9.24 18.07
CA TYR A 332 16.36 10.29 19.10
C TYR A 332 17.63 10.13 19.93
N TYR A 333 18.21 11.26 20.33
CA TYR A 333 19.43 11.28 21.13
C TYR A 333 19.30 12.17 22.35
N ASP A 334 19.79 11.71 23.49
CA ASP A 334 19.74 12.52 24.70
C ASP A 334 20.91 13.50 24.69
N ALA A 335 20.99 14.35 25.72
CA ALA A 335 22.05 15.34 25.82
C ALA A 335 23.47 14.75 25.83
N ASN A 336 23.59 13.47 26.15
CA ASN A 336 24.91 12.83 26.18
C ASN A 336 25.24 12.11 24.89
N GLY A 337 24.39 12.26 23.88
CA GLY A 337 24.64 11.61 22.61
C GLY A 337 24.25 10.14 22.57
N ASN A 338 23.42 9.72 23.51
CA ASN A 338 22.99 8.33 23.55
C ASN A 338 21.58 8.17 23.01
N VAL A 339 21.36 7.10 22.26
CA VAL A 339 20.07 6.81 21.66
C VAL A 339 18.95 6.71 22.70
N VAL A 340 17.78 7.20 22.32
CA VAL A 340 16.60 7.15 23.18
C VAL A 340 15.51 6.38 22.43
N VAL A 341 15.16 5.20 22.92
CA VAL A 341 14.12 4.39 22.30
C VAL A 341 12.83 4.48 23.12
N ASP A 342 12.98 4.65 24.43
CA ASP A 342 11.83 4.79 25.31
C ASP A 342 10.99 5.96 24.77
N PRO A 343 9.74 5.69 24.38
CA PRO A 343 8.84 6.73 23.83
C PRO A 343 8.45 7.84 24.78
N ASN A 344 8.67 7.66 26.07
CA ASN A 344 8.31 8.70 27.04
C ASN A 344 9.50 9.46 27.62
N ALA A 345 10.71 9.02 27.28
CA ALA A 345 11.91 9.65 27.80
C ALA A 345 12.26 10.98 27.12
N PRO A 346 12.92 11.88 27.84
CA PRO A 346 13.31 13.19 27.30
C PRO A 346 14.47 13.01 26.33
N TYR A 347 14.59 13.91 25.36
CA TYR A 347 15.67 13.84 24.39
C TYR A 347 16.15 15.25 24.05
N ALA A 348 17.28 15.35 23.36
CA ALA A 348 17.84 16.64 22.98
C ALA A 348 17.67 16.94 21.50
N LYS A 349 18.02 15.97 20.66
CA LYS A 349 17.91 16.14 19.22
C LYS A 349 17.33 14.90 18.54
N VAL A 350 17.03 15.05 17.26
CA VAL A 350 16.47 13.96 16.46
C VAL A 350 17.13 13.92 15.09
N GLU A 351 17.56 12.72 14.69
CA GLU A 351 18.17 12.53 13.39
C GLU A 351 17.14 11.79 12.52
N LYS A 352 16.34 12.57 11.80
CA LYS A 352 15.27 12.07 10.97
C LYS A 352 15.66 11.06 9.90
N GLY A 353 14.91 9.96 9.85
CA GLY A 353 15.13 8.92 8.87
C GLY A 353 16.52 8.32 8.82
N LYS A 354 17.24 8.34 9.93
CA LYS A 354 18.59 7.79 9.96
C LYS A 354 18.63 6.40 10.58
N GLY A 355 17.51 5.97 11.14
CA GLY A 355 17.45 4.67 11.79
C GLY A 355 17.08 3.51 10.88
N LYS A 356 16.76 2.39 11.52
CA LYS A 356 16.40 1.18 10.79
C LYS A 356 15.17 0.51 11.40
N ASP A 357 14.28 0.03 10.54
CA ASP A 357 13.09 -0.68 11.01
C ASP A 357 13.21 -2.12 10.44
N ALA A 358 12.45 -3.11 10.97
CA ALA A 358 12.49 -4.56 10.51
C ALA A 358 11.03 -5.08 10.43
N PRO A 359 10.29 -4.75 9.34
CA PRO A 359 8.90 -5.07 9.03
C PRO A 359 8.36 -6.39 8.87
N PHE A 360 9.16 -7.02 8.07
CA PHE A 360 8.73 -8.25 7.52
C PHE A 360 9.00 -9.53 8.27
N VAL A 361 8.70 -10.66 7.63
CA VAL A 361 8.94 -11.95 8.26
C VAL A 361 10.28 -12.50 7.77
N PHE A 362 10.98 -11.70 6.97
CA PHE A 362 12.28 -12.06 6.43
C PHE A 362 13.32 -10.98 6.77
N GLY A 363 14.46 -11.42 7.30
CA GLY A 363 15.51 -10.49 7.68
C GLY A 363 16.34 -9.94 6.54
N PRO A 364 17.29 -9.03 6.84
CA PRO A 364 18.19 -8.38 5.88
C PRO A 364 19.09 -9.35 5.14
N ASP A 365 19.37 -10.50 5.76
CA ASP A 365 20.24 -11.50 5.15
C ASP A 365 19.45 -12.64 4.54
N TYR A 366 18.14 -12.41 4.38
CA TYR A 366 17.26 -13.40 3.77
C TYR A 366 17.08 -14.67 4.61
N LYS A 367 17.03 -14.49 5.91
CA LYS A 367 16.81 -15.61 6.81
C LYS A 367 15.43 -15.38 7.40
N VAL A 368 14.74 -16.47 7.74
CA VAL A 368 13.42 -16.34 8.31
C VAL A 368 13.53 -15.76 9.72
N LYS A 369 12.52 -15.01 10.13
CA LYS A 369 12.48 -14.41 11.45
C LYS A 369 11.44 -15.17 12.26
N PRO A 370 11.38 -14.92 13.57
CA PRO A 370 10.38 -15.60 14.42
C PRO A 370 8.98 -15.38 13.87
N ALA A 371 8.75 -14.19 13.29
CA ALA A 371 7.46 -13.85 12.72
C ALA A 371 7.07 -14.82 11.61
N TYR A 372 8.06 -15.29 10.85
CA TYR A 372 7.80 -16.24 9.77
C TYR A 372 7.25 -17.56 10.33
N TRP A 373 7.96 -18.14 11.29
CA TRP A 373 7.52 -19.38 11.89
C TRP A 373 6.11 -19.22 12.48
N ALA A 374 5.82 -18.03 12.97
CA ALA A 374 4.53 -17.74 13.57
C ALA A 374 3.35 -17.77 12.59
N ILE A 375 3.58 -17.43 11.32
CA ILE A 375 2.49 -17.44 10.36
C ILE A 375 2.57 -18.58 9.35
N ILE A 376 3.63 -19.38 9.42
CA ILE A 376 3.78 -20.49 8.50
C ILE A 376 3.10 -21.76 9.04
N ASP A 377 3.03 -21.87 10.37
CA ASP A 377 2.43 -23.04 11.01
C ASP A 377 0.91 -22.97 11.06
N HIS A 378 0.30 -23.96 11.70
CA HIS A 378 -1.17 -24.02 11.83
C HIS A 378 -1.63 -23.91 13.29
N LYS A 379 -0.87 -23.21 14.11
CA LYS A 379 -1.22 -23.04 15.52
C LYS A 379 -1.75 -21.64 15.78
#